data_1LVS
#
_entry.id   1LVS
#
_entity_poly.entity_id   1
_entity_poly.type   'polydeoxyribonucleotide'
_entity_poly.pdbx_seq_one_letter_code
;(DG)(DG)(DG)(DG)(DT)(DT)(DT)(DT)(DG)(DG)(DG)
;
_entity_poly.pdbx_strand_id   A,B
#
loop_
_chem_comp.id
_chem_comp.type
_chem_comp.name
_chem_comp.formula
DG DNA linking 2'-DEOXYGUANOSINE-5'-MONOPHOSPHATE 'C10 H14 N5 O7 P'
DT DNA linking THYMIDINE-5'-MONOPHOSPHATE 'C10 H15 N2 O8 P'
#